data_8CBS
#
_entry.id   8CBS
#
_cell.length_a   53.228
_cell.length_b   64.853
_cell.length_c   70.439
_cell.angle_alpha   90.000
_cell.angle_beta   101.500
_cell.angle_gamma   90.000
#
_symmetry.space_group_name_H-M   'P 1 21 1'
#
loop_
_entity.id
_entity.type
_entity.pdbx_description
1 polymer Integrase
2 non-polymer 1,2-ETHANEDIOL
3 non-polymer 'CHLORIDE ION'
4 non-polymer '(2~{S})-2-[3-cyclopropyl-6-methyl-2-(5-methyl-3,4-dihydro-2~{H}-chromen-6-yl)phenyl]-2-[(2-methylpropan-2-yl)oxy]ethanoic acid'
5 non-polymer 'MAGNESIUM ION'
6 water water
#
_entity_poly.entity_id   1
_entity_poly.type   'polypeptide(L)'
_entity_poly.pdbx_seq_one_letter_code
;SIQNFRVYYRDSRDPVWKGPAKLLEKGEGAVVIQDNSDIKVVPRRKAKIIRDYGKQMAGDDCVASRQDEDMHGQVDCSPG
IWQLDCTHLEGKVILVAVHVASGYIEAEVIPAETGQETAYFLLKLAGRWPVKTVHTDNGSNFTSTTVKAACWWAGIKQEF
GIPYNPQSQGVIESMNKELKKIIGQVRDQAEHLKTAVQMAVFIHNKKRKGGIGGYSAGERIVDIIATDIQTKE
;
_entity_poly.pdbx_strand_id   A,B,C,D
#
# COMPACT_ATOMS: atom_id res chain seq x y z
N GLN A 3 -2.18 28.01 -1.79
CA GLN A 3 -2.33 28.95 -0.69
C GLN A 3 -1.03 29.17 0.09
N ASN A 4 -0.54 28.19 0.86
CA ASN A 4 0.64 28.45 1.65
C ASN A 4 1.80 27.51 1.30
N PHE A 5 3.00 28.07 1.36
CA PHE A 5 4.21 27.39 0.94
C PHE A 5 5.19 27.26 2.10
N ARG A 6 5.88 26.13 2.11
CA ARG A 6 7.06 25.97 2.93
C ARG A 6 8.18 25.50 2.04
N VAL A 7 9.40 25.83 2.44
CA VAL A 7 10.56 25.48 1.65
C VAL A 7 11.43 24.53 2.44
N TYR A 8 11.87 23.45 1.78
CA TYR A 8 12.82 22.47 2.32
C TYR A 8 14.03 22.54 1.41
N TYR A 9 15.24 22.42 1.96
CA TYR A 9 16.45 22.83 1.22
C TYR A 9 17.66 22.09 1.77
N ARG A 10 18.73 22.07 0.99
CA ARG A 10 19.99 21.53 1.45
C ARG A 10 21.03 22.63 1.45
N ASP A 11 21.99 22.51 2.35
CA ASP A 11 22.88 23.59 2.77
C ASP A 11 24.31 23.27 2.36
N SER A 12 25.28 23.42 3.27
CA SER A 12 26.71 23.28 3.08
C SER A 12 27.11 21.81 3.11
N ARG A 13 27.17 21.20 1.92
CA ARG A 13 27.50 19.77 1.75
C ARG A 13 26.48 18.84 2.38
N ASP A 14 26.03 19.14 3.62
CA ASP A 14 25.05 18.41 4.41
C ASP A 14 23.95 17.87 3.52
N PRO A 15 23.91 16.54 3.28
CA PRO A 15 22.81 15.96 2.50
C PRO A 15 21.49 15.88 3.25
N VAL A 16 21.41 16.27 4.51
CA VAL A 16 20.13 16.21 5.21
C VAL A 16 19.26 17.36 4.74
N TRP A 17 17.99 17.09 4.50
CA TRP A 17 17.08 18.18 4.13
C TRP A 17 16.73 19.00 5.38
N LYS A 18 16.64 20.31 5.20
CA LYS A 18 16.35 21.27 6.25
C LYS A 18 15.01 21.92 5.96
N GLY A 19 14.38 22.47 6.98
CA GLY A 19 13.09 23.09 6.82
C GLY A 19 12.09 22.59 7.85
N PRO A 20 10.87 23.12 7.82
CA PRO A 20 10.39 24.12 6.87
C PRO A 20 10.98 25.50 7.15
N ALA A 21 11.21 26.22 6.07
CA ALA A 21 11.58 27.62 6.10
C ALA A 21 10.49 28.41 5.39
N LYS A 22 10.40 29.67 5.76
CA LYS A 22 9.50 30.60 5.12
C LYS A 22 10.05 31.02 3.77
N LEU A 23 9.16 31.07 2.77
CA LEU A 23 9.52 31.57 1.45
C LEU A 23 9.48 33.09 1.47
N LEU A 24 10.62 33.74 1.18
CA LEU A 24 10.58 35.19 1.11
C LEU A 24 10.41 35.65 -0.33
N GLU A 25 11.18 35.07 -1.24
CA GLU A 25 11.13 35.45 -2.64
C GLU A 25 11.65 34.32 -3.49
N LYS A 26 11.06 34.17 -4.66
CA LYS A 26 11.48 33.15 -5.62
C LYS A 26 12.03 33.87 -6.84
N GLY A 27 13.28 33.59 -7.18
CA GLY A 27 13.87 34.09 -8.39
C GLY A 27 14.10 32.95 -9.38
N GLU A 28 14.62 33.32 -10.54
CA GLU A 28 14.84 32.33 -11.58
C GLU A 28 15.90 31.31 -11.16
N GLY A 29 16.93 31.75 -10.45
CA GLY A 29 17.99 30.83 -10.06
C GLY A 29 18.15 30.55 -8.58
N ALA A 30 17.49 31.36 -7.73
CA ALA A 30 17.64 31.20 -6.29
C ALA A 30 16.30 31.44 -5.61
N VAL A 31 16.20 30.91 -4.40
CA VAL A 31 15.08 31.22 -3.53
CA VAL A 31 15.09 31.16 -3.50
C VAL A 31 15.66 31.85 -2.27
N VAL A 32 15.01 32.92 -1.81
CA VAL A 32 15.36 33.55 -0.54
C VAL A 32 14.38 33.05 0.49
N ILE A 33 14.90 32.46 1.56
CA ILE A 33 14.10 31.87 2.63
C ILE A 33 14.55 32.41 3.97
N GLN A 34 13.69 32.25 4.96
CA GLN A 34 13.99 32.54 6.35
C GLN A 34 13.81 31.26 7.14
N ASP A 35 14.91 30.72 7.69
CA ASP A 35 14.82 29.52 8.53
C ASP A 35 15.08 29.96 9.97
N ASN A 36 14.02 30.00 10.77
CA ASN A 36 14.04 30.47 12.14
C ASN A 36 14.49 31.93 12.17
N SER A 37 15.78 32.17 12.38
CA SER A 37 16.29 33.54 12.50
C SER A 37 17.30 33.91 11.42
N ASP A 38 17.54 33.05 10.43
CA ASP A 38 18.57 33.28 9.42
C ASP A 38 17.93 33.41 8.05
N ILE A 39 18.26 34.47 7.34
CA ILE A 39 17.81 34.60 5.96
C ILE A 39 18.87 33.98 5.06
N LYS A 40 18.45 33.13 4.14
CA LYS A 40 19.39 32.37 3.35
C LYS A 40 18.99 32.48 1.89
N VAL A 41 20.00 32.44 1.02
CA VAL A 41 19.82 32.50 -0.43
C VAL A 41 20.20 31.12 -0.96
N VAL A 42 19.25 30.40 -1.53
CA VAL A 42 19.42 28.98 -1.87
C VAL A 42 19.25 28.79 -3.37
N PRO A 43 20.19 28.14 -4.06
CA PRO A 43 19.99 27.77 -5.46
C PRO A 43 18.68 26.99 -5.62
N ARG A 44 17.95 27.29 -6.71
CA ARG A 44 16.66 26.62 -6.94
C ARG A 44 16.78 25.11 -6.86
N ARG A 45 17.89 24.56 -7.38
CA ARG A 45 17.99 23.12 -7.51
C ARG A 45 18.20 22.47 -6.16
N LYS A 46 18.58 23.24 -5.14
CA LYS A 46 18.72 22.68 -3.81
C LYS A 46 17.53 22.98 -2.90
N ALA A 47 16.41 23.43 -3.46
CA ALA A 47 15.23 23.81 -2.68
C ALA A 47 13.99 23.16 -3.25
N LYS A 48 13.09 22.74 -2.37
N LYS A 48 13.08 22.74 -2.37
CA LYS A 48 11.75 22.29 -2.73
CA LYS A 48 11.76 22.29 -2.76
C LYS A 48 10.74 23.22 -2.09
C LYS A 48 10.74 23.21 -2.10
N ILE A 49 9.95 23.90 -2.92
CA ILE A 49 8.91 24.82 -2.46
C ILE A 49 7.61 24.00 -2.47
N ILE A 50 7.09 23.70 -1.31
CA ILE A 50 5.96 22.76 -1.22
C ILE A 50 4.75 23.47 -0.66
N ARG A 51 3.63 23.35 -1.36
CA ARG A 51 2.44 23.95 -0.81
C ARG A 51 1.60 22.95 -0.05
N ASP A 52 0.67 23.48 0.76
CA ASP A 52 -0.20 22.63 1.56
C ASP A 52 -1.41 22.16 0.76
N TYR A 53 -1.08 21.39 -0.30
CA TYR A 53 -2.05 20.99 -1.31
C TYR A 53 -3.27 20.34 -0.70
N GLY A 54 -3.05 19.34 0.16
CA GLY A 54 -4.18 18.55 0.72
C GLY A 54 -5.06 19.32 1.70
N LYS A 55 -4.64 20.51 2.16
CA LYS A 55 -5.51 21.27 3.08
C LYS A 55 -6.42 22.22 2.31
N CYS B 77 -13.80 8.93 19.31
CA CYS B 77 -12.54 9.12 18.59
C CYS B 77 -12.77 9.64 17.16
N SER B 78 -11.96 10.61 16.76
CA SER B 78 -12.12 11.22 15.44
C SER B 78 -11.82 10.20 14.34
N PRO B 79 -12.56 10.25 13.24
CA PRO B 79 -12.31 9.34 12.10
C PRO B 79 -11.00 9.61 11.34
N GLY B 80 -10.35 10.74 11.57
CA GLY B 80 -9.15 11.10 10.83
C GLY B 80 -7.85 10.73 11.50
N ILE B 81 -7.88 10.05 12.65
CA ILE B 81 -6.70 9.86 13.49
C ILE B 81 -6.10 8.48 13.27
N TRP B 82 -4.81 8.46 12.97
CA TRP B 82 -4.04 7.23 12.74
C TRP B 82 -2.84 7.18 13.68
N GLN B 83 -2.43 5.97 14.08
CA GLN B 83 -1.14 5.81 14.74
C GLN B 83 -0.21 4.99 13.86
N LEU B 84 1.06 5.38 13.79
CA LEU B 84 2.03 4.60 13.04
C LEU B 84 3.18 4.22 13.94
N ASP B 85 3.78 3.05 13.70
CA ASP B 85 4.99 2.66 14.44
C ASP B 85 5.71 1.61 13.64
N CYS B 86 6.95 1.32 14.00
CA CYS B 86 7.66 0.22 13.39
C CYS B 86 7.82 -0.95 14.35
N THR B 87 7.80 -2.16 13.79
CA THR B 87 8.21 -3.32 14.57
C THR B 87 9.16 -4.15 13.70
N HIS B 88 9.74 -5.21 14.28
CA HIS B 88 10.84 -5.91 13.65
CA HIS B 88 10.85 -5.91 13.66
C HIS B 88 10.67 -7.42 13.81
N LEU B 89 10.93 -8.14 12.74
CA LEU B 89 10.94 -9.60 12.71
C LEU B 89 11.96 -10.04 11.68
N GLU B 90 12.77 -11.05 12.06
CA GLU B 90 13.71 -11.68 11.10
C GLU B 90 14.73 -10.67 10.58
N GLY B 91 15.04 -9.64 11.35
CA GLY B 91 15.96 -8.61 10.89
C GLY B 91 15.36 -7.58 9.94
N LYS B 92 14.04 -7.67 9.67
CA LYS B 92 13.36 -6.78 8.73
C LYS B 92 12.51 -5.78 9.49
N VAL B 93 12.22 -4.65 8.82
CA VAL B 93 11.50 -3.53 9.43
C VAL B 93 10.09 -3.53 8.91
N ILE B 94 9.09 -3.56 9.79
CA ILE B 94 7.70 -3.53 9.38
C ILE B 94 7.10 -2.20 9.87
N LEU B 95 6.61 -1.43 8.97
CA LEU B 95 5.93 -0.18 9.29
C LEU B 95 4.43 -0.44 9.28
N VAL B 96 3.76 -0.12 10.40
CA VAL B 96 2.35 -0.40 10.63
C VAL B 96 1.60 0.90 10.85
N ALA B 97 0.43 1.02 10.24
CA ALA B 97 -0.47 2.15 10.50
C ALA B 97 -1.80 1.57 11.04
N VAL B 98 -2.33 2.15 12.11
CA VAL B 98 -3.64 1.73 12.62
CA VAL B 98 -3.63 1.75 12.67
C VAL B 98 -4.60 2.93 12.59
N HIS B 99 -5.80 2.68 12.09
CA HIS B 99 -6.88 3.66 12.19
C HIS B 99 -7.49 3.47 13.59
N VAL B 100 -7.27 4.44 14.47
CA VAL B 100 -7.53 4.22 15.91
C VAL B 100 -8.99 3.88 16.19
N ALA B 101 -9.92 4.56 15.53
CA ALA B 101 -11.34 4.32 15.93
C ALA B 101 -11.89 2.96 15.47
N SER B 102 -11.30 2.34 14.44
CA SER B 102 -11.77 1.06 13.93
C SER B 102 -10.89 -0.13 14.27
N GLY B 103 -9.60 0.09 14.50
CA GLY B 103 -8.60 -0.97 14.59
C GLY B 103 -8.10 -1.46 13.24
N TYR B 104 -8.52 -0.85 12.13
CA TYR B 104 -8.09 -1.30 10.81
C TYR B 104 -6.58 -1.06 10.69
N ILE B 105 -5.85 -2.00 10.09
CA ILE B 105 -4.39 -1.78 9.92
C ILE B 105 -3.95 -1.88 8.46
N GLU B 106 -2.80 -1.22 8.15
CA GLU B 106 -2.06 -1.45 6.92
C GLU B 106 -0.61 -1.56 7.32
N ALA B 107 0.14 -2.36 6.59
CA ALA B 107 1.56 -2.51 6.95
C ALA B 107 2.36 -2.81 5.71
N GLU B 108 3.66 -2.45 5.75
CA GLU B 108 4.59 -2.74 4.68
C GLU B 108 5.94 -3.11 5.27
N VAL B 109 6.63 -4.04 4.65
CA VAL B 109 8.02 -4.31 5.02
C VAL B 109 8.86 -3.29 4.24
N ILE B 110 9.58 -2.45 4.97
CA ILE B 110 10.42 -1.46 4.26
C ILE B 110 11.88 -1.83 4.37
N PRO B 111 12.70 -1.41 3.38
CA PRO B 111 14.10 -1.87 3.31
C PRO B 111 14.99 -1.23 4.34
N ALA B 112 14.61 -0.08 4.88
CA ALA B 112 15.39 0.60 5.92
C ALA B 112 14.43 1.48 6.68
N GLU B 113 14.71 1.70 7.99
CA GLU B 113 13.78 2.44 8.82
C GLU B 113 14.11 3.93 8.76
N THR B 114 13.90 4.50 7.59
CA THR B 114 14.34 5.87 7.29
C THR B 114 13.15 6.81 7.14
N GLY B 115 13.42 8.10 7.30
CA GLY B 115 12.41 9.07 6.98
C GLY B 115 11.88 8.95 5.55
N GLN B 116 12.76 8.71 4.58
CA GLN B 116 12.28 8.71 3.20
C GLN B 116 11.33 7.56 2.98
N GLU B 117 11.63 6.40 3.52
CA GLU B 117 10.65 5.30 3.41
C GLU B 117 9.34 5.60 4.14
N THR B 118 9.44 6.21 5.33
CA THR B 118 8.22 6.54 6.08
C THR B 118 7.37 7.56 5.33
N ALA B 119 8.01 8.59 4.76
CA ALA B 119 7.31 9.61 3.98
C ALA B 119 6.57 9.00 2.79
N TYR B 120 7.22 8.08 2.10
CA TYR B 120 6.58 7.41 0.96
C TYR B 120 5.36 6.63 1.41
N PHE B 121 5.53 5.85 2.49
CA PHE B 121 4.37 5.13 3.06
C PHE B 121 3.21 6.07 3.39
N LEU B 122 3.52 7.21 4.04
CA LEU B 122 2.47 8.19 4.39
C LEU B 122 1.76 8.74 3.16
N LEU B 123 2.52 9.07 2.09
CA LEU B 123 1.87 9.55 0.87
C LEU B 123 0.87 8.52 0.31
N LYS B 124 1.26 7.23 0.28
CA LYS B 124 0.31 6.20 -0.14
C LYS B 124 -0.89 6.15 0.76
N LEU B 125 -0.66 6.16 2.09
CA LEU B 125 -1.80 6.03 3.02
C LEU B 125 -2.77 7.19 2.84
N ALA B 126 -2.22 8.41 2.69
CA ALA B 126 -3.05 9.61 2.61
C ALA B 126 -3.84 9.65 1.33
N GLY B 127 -3.40 8.94 0.28
CA GLY B 127 -4.20 8.91 -0.94
C GLY B 127 -5.39 7.98 -0.86
N ARG B 128 -5.38 7.04 0.09
CA ARG B 128 -6.48 6.07 0.25
C ARG B 128 -7.54 6.51 1.25
N TRP B 129 -7.14 7.11 2.37
CA TRP B 129 -8.05 7.44 3.46
C TRP B 129 -8.02 8.94 3.76
N PRO B 130 -9.02 9.48 4.48
CA PRO B 130 -8.90 10.91 4.86
C PRO B 130 -8.09 11.04 6.14
N VAL B 131 -6.76 11.09 5.97
CA VAL B 131 -5.82 11.12 7.08
C VAL B 131 -5.67 12.56 7.55
N LYS B 132 -6.04 12.84 8.78
CA LYS B 132 -5.97 14.19 9.32
C LYS B 132 -4.89 14.36 10.37
N THR B 133 -4.72 13.36 11.25
CA THR B 133 -3.70 13.39 12.30
C THR B 133 -2.96 12.05 12.32
N VAL B 134 -1.62 12.09 12.38
N VAL B 134 -1.63 12.09 12.49
CA VAL B 134 -0.86 10.88 12.64
CA VAL B 134 -0.83 10.88 12.60
C VAL B 134 -0.18 11.04 13.99
C VAL B 134 -0.02 10.95 13.90
N HIS B 135 -0.29 10.02 14.82
CA HIS B 135 0.38 9.97 16.13
CA HIS B 135 0.39 9.98 16.11
C HIS B 135 1.52 8.96 16.05
N THR B 136 2.72 9.37 16.47
CA THR B 136 3.87 8.46 16.49
C THR B 136 4.69 8.74 17.74
N ASP B 137 5.62 7.85 18.03
CA ASP B 137 6.68 8.18 18.98
C ASP B 137 7.73 9.05 18.29
N ASN B 138 8.86 9.27 18.97
CA ASN B 138 9.88 10.18 18.50
C ASN B 138 11.01 9.49 17.74
N GLY B 139 10.75 8.33 17.19
CA GLY B 139 11.65 7.68 16.28
C GLY B 139 12.13 8.64 15.21
N SER B 140 13.41 8.54 14.86
CA SER B 140 14.04 9.56 14.02
C SER B 140 13.47 9.55 12.60
N ASN B 141 12.92 8.42 12.16
CA ASN B 141 12.25 8.42 10.87
C ASN B 141 10.97 9.24 10.91
N PHE B 142 10.30 9.26 12.06
CA PHE B 142 9.01 9.96 12.14
C PHE B 142 9.20 11.45 12.35
N THR B 143 10.35 11.86 12.91
CA THR B 143 10.62 13.28 13.08
C THR B 143 11.43 13.87 11.94
N SER B 144 11.71 13.10 10.88
CA SER B 144 12.56 13.52 9.74
C SER B 144 11.90 14.62 8.91
N THR B 145 12.76 15.36 8.20
CA THR B 145 12.30 16.41 7.31
C THR B 145 11.44 15.89 6.18
N THR B 146 11.75 14.70 5.64
CA THR B 146 10.95 14.25 4.52
C THR B 146 9.52 13.91 4.97
N VAL B 147 9.34 13.40 6.20
CA VAL B 147 8.01 13.14 6.74
C VAL B 147 7.27 14.47 6.96
N LYS B 148 7.98 15.48 7.46
CA LYS B 148 7.36 16.79 7.61
C LYS B 148 6.82 17.29 6.27
N ALA B 149 7.60 17.14 5.21
CA ALA B 149 7.21 17.59 3.88
C ALA B 149 6.00 16.82 3.40
N ALA B 150 6.03 15.49 3.58
CA ALA B 150 4.87 14.67 3.18
C ALA B 150 3.63 15.14 3.91
N CYS B 151 3.72 15.30 5.24
CA CYS B 151 2.56 15.71 6.02
C CYS B 151 2.08 17.10 5.62
N TRP B 152 3.03 18.05 5.41
CA TRP B 152 2.65 19.39 4.98
C TRP B 152 1.84 19.34 3.67
N TRP B 153 2.37 18.61 2.67
CA TRP B 153 1.73 18.56 1.35
C TRP B 153 0.37 17.86 1.43
N ALA B 154 0.29 16.77 2.20
CA ALA B 154 -0.97 16.00 2.30
C ALA B 154 -1.99 16.60 3.25
N GLY B 155 -1.64 17.60 4.06
CA GLY B 155 -2.56 18.16 5.02
C GLY B 155 -2.68 17.41 6.34
N ILE B 156 -1.63 16.73 6.77
CA ILE B 156 -1.66 15.87 7.94
C ILE B 156 -0.97 16.61 9.07
N LYS B 157 -1.58 16.63 10.23
CA LYS B 157 -0.99 17.11 11.48
C LYS B 157 -0.27 15.95 12.18
N GLN B 158 0.94 16.18 12.65
CA GLN B 158 1.72 15.18 13.38
C GLN B 158 1.64 15.49 14.86
N GLU B 159 1.40 14.46 15.66
CA GLU B 159 1.46 14.55 17.12
C GLU B 159 2.44 13.50 17.59
N PHE B 160 3.24 13.83 18.60
CA PHE B 160 4.32 12.98 19.06
C PHE B 160 4.10 12.59 20.52
N GLY B 161 4.32 11.32 20.84
CA GLY B 161 4.32 10.88 22.22
C GLY B 161 2.95 10.44 22.72
N GLY B 170 -1.50 3.35 23.81
CA GLY B 170 -0.77 2.20 23.30
C GLY B 170 -1.55 1.32 22.32
N VAL B 171 -2.41 1.94 21.50
CA VAL B 171 -3.18 1.18 20.51
C VAL B 171 -2.26 0.50 19.50
N ILE B 172 -1.31 1.26 18.93
CA ILE B 172 -0.46 0.65 17.90
C ILE B 172 0.45 -0.41 18.51
N GLU B 173 0.86 -0.23 19.77
CA GLU B 173 1.75 -1.22 20.37
C GLU B 173 1.01 -2.53 20.61
N SER B 174 -0.24 -2.46 21.03
CA SER B 174 -1.05 -3.67 21.10
C SER B 174 -1.26 -4.26 19.72
N MET B 175 -1.41 -3.42 18.69
CA MET B 175 -1.57 -3.92 17.34
C MET B 175 -0.32 -4.63 16.84
N ASN B 176 0.86 -4.04 17.07
CA ASN B 176 2.10 -4.73 16.71
C ASN B 176 2.14 -6.14 17.29
N LYS B 177 1.80 -6.27 18.58
CA LYS B 177 1.86 -7.58 19.20
C LYS B 177 0.87 -8.52 18.55
N GLU B 178 -0.36 -8.04 18.35
CA GLU B 178 -1.37 -8.87 17.71
C GLU B 178 -0.96 -9.26 16.30
N LEU B 179 -0.37 -8.31 15.55
CA LEU B 179 0.06 -8.64 14.19
C LEU B 179 1.17 -9.67 14.20
N LYS B 180 2.11 -9.55 15.14
CA LYS B 180 3.19 -10.54 15.20
C LYS B 180 2.66 -11.92 15.59
N LYS B 181 1.61 -11.96 16.42
CA LYS B 181 0.99 -13.24 16.79
C LYS B 181 0.37 -13.92 15.57
N ILE B 182 -0.35 -13.17 14.74
CA ILE B 182 -0.93 -13.81 13.55
C ILE B 182 0.17 -14.22 12.60
N ILE B 183 1.16 -13.35 12.40
CA ILE B 183 2.28 -13.71 11.54
C ILE B 183 2.86 -15.05 11.95
N GLY B 184 3.05 -15.25 13.27
CA GLY B 184 3.60 -16.51 13.72
C GLY B 184 2.70 -17.68 13.40
N GLN B 185 1.40 -17.46 13.41
CA GLN B 185 0.43 -18.53 13.12
C GLN B 185 0.48 -18.97 11.66
N VAL B 186 0.82 -18.06 10.73
CA VAL B 186 0.81 -18.34 9.29
C VAL B 186 2.21 -18.40 8.69
N ARG B 187 3.26 -18.22 9.50
CA ARG B 187 4.56 -17.91 8.92
C ARG B 187 5.04 -19.04 8.03
N ASP B 188 4.79 -20.31 8.43
CA ASP B 188 5.34 -21.37 7.63
C ASP B 188 4.55 -21.62 6.36
N GLN B 189 3.52 -20.80 6.05
CA GLN B 189 2.83 -20.96 4.79
C GLN B 189 3.41 -20.16 3.66
N ALA B 190 4.47 -19.39 3.92
CA ALA B 190 4.99 -18.54 2.88
C ALA B 190 6.51 -18.53 3.01
N GLU B 191 7.18 -18.36 1.88
CA GLU B 191 8.62 -18.19 1.94
C GLU B 191 8.97 -16.85 2.56
N HIS B 192 8.36 -15.78 2.08
CA HIS B 192 8.80 -14.42 2.45
C HIS B 192 8.03 -13.89 3.64
N LEU B 193 8.78 -13.24 4.55
CA LEU B 193 8.12 -12.56 5.67
C LEU B 193 7.05 -11.59 5.18
N LYS B 194 7.33 -10.84 4.11
CA LYS B 194 6.35 -9.82 3.73
C LYS B 194 5.02 -10.47 3.32
N THR B 195 5.09 -11.66 2.71
CA THR B 195 3.87 -12.38 2.38
C THR B 195 3.07 -12.70 3.64
N ALA B 196 3.73 -13.24 4.65
CA ALA B 196 3.03 -13.52 5.90
C ALA B 196 2.48 -12.25 6.54
N VAL B 197 3.23 -11.12 6.46
CA VAL B 197 2.70 -9.86 6.98
C VAL B 197 1.37 -9.52 6.33
N GLN B 198 1.30 -9.59 4.98
CA GLN B 198 0.07 -9.16 4.32
C GLN B 198 -1.06 -10.17 4.58
N MET B 199 -0.71 -11.46 4.69
CA MET B 199 -1.77 -12.44 5.07
C MET B 199 -2.31 -12.12 6.45
N ALA B 200 -1.41 -11.74 7.36
CA ALA B 200 -1.83 -11.39 8.73
C ALA B 200 -2.65 -10.10 8.77
N VAL B 201 -2.28 -9.10 7.98
CA VAL B 201 -3.12 -7.90 7.85
C VAL B 201 -4.52 -8.30 7.41
N PHE B 202 -4.61 -9.07 6.33
CA PHE B 202 -5.93 -9.48 5.80
C PHE B 202 -6.74 -10.21 6.87
N ILE B 203 -6.11 -11.14 7.57
CA ILE B 203 -6.80 -11.90 8.64
C ILE B 203 -7.27 -10.96 9.75
N HIS B 204 -6.42 -10.01 10.15
CA HIS B 204 -6.84 -9.06 11.16
C HIS B 204 -8.03 -8.21 10.69
N ASN B 205 -7.95 -7.67 9.47
CA ASN B 205 -8.95 -6.69 9.03
C ASN B 205 -10.29 -7.36 8.74
N LYS B 206 -10.25 -8.65 8.37
CA LYS B 206 -11.51 -9.32 7.96
C LYS B 206 -12.21 -10.05 9.10
N LYS B 207 -11.56 -10.19 10.25
CA LYS B 207 -12.18 -10.96 11.34
C LYS B 207 -13.33 -10.23 12.02
N ARG B 208 -14.50 -10.87 12.14
CA ARG B 208 -15.61 -10.25 12.88
C ARG B 208 -15.48 -10.49 14.37
N LYS B 209 -15.66 -9.43 15.17
CA LYS B 209 -15.56 -9.54 16.63
C LYS B 209 -16.62 -10.47 17.22
N GLY B 214 -21.42 -7.38 15.23
CA GLY B 214 -20.09 -7.95 15.00
C GLY B 214 -19.55 -7.59 13.63
N TYR B 215 -18.89 -6.45 13.56
CA TYR B 215 -18.29 -5.99 12.31
C TYR B 215 -16.78 -6.24 12.39
N SER B 216 -16.17 -6.39 11.22
CA SER B 216 -14.70 -6.48 11.23
C SER B 216 -14.13 -5.08 11.25
N ALA B 217 -12.82 -5.00 11.53
CA ALA B 217 -12.14 -3.71 11.46
C ALA B 217 -12.25 -3.08 10.07
N GLY B 218 -12.15 -3.92 9.02
CA GLY B 218 -12.25 -3.40 7.66
C GLY B 218 -13.63 -2.84 7.36
N GLU B 219 -14.67 -3.47 7.90
CA GLU B 219 -16.04 -2.93 7.79
C GLU B 219 -16.20 -1.66 8.60
N ARG B 220 -15.59 -1.62 9.79
CA ARG B 220 -15.81 -0.49 10.67
C ARG B 220 -15.14 0.78 10.13
N ILE B 221 -13.94 0.66 9.54
CA ILE B 221 -13.32 1.89 9.04
C ILE B 221 -14.18 2.49 7.94
N VAL B 222 -14.68 1.67 7.01
CA VAL B 222 -15.50 2.16 5.92
C VAL B 222 -16.82 2.74 6.46
N ASP B 223 -17.44 2.06 7.43
CA ASP B 223 -18.65 2.61 8.06
C ASP B 223 -18.40 3.98 8.70
N ILE B 224 -17.30 4.09 9.45
CA ILE B 224 -17.01 5.32 10.18
C ILE B 224 -16.73 6.47 9.22
N ILE B 225 -15.92 6.22 8.19
N ILE B 225 -15.95 6.22 8.18
CA ILE B 225 -15.56 7.25 7.23
CA ILE B 225 -15.60 7.29 7.25
C ILE B 225 -16.81 7.70 6.46
C ILE B 225 -16.79 7.71 6.42
N ALA B 226 -17.55 6.74 5.91
CA ALA B 226 -18.74 7.05 5.14
C ALA B 226 -19.73 7.88 5.93
N THR B 227 -19.92 7.53 7.19
CA THR B 227 -20.88 8.29 7.98
C THR B 227 -20.38 9.71 8.25
N ASP B 228 -19.06 9.92 8.21
CA ASP B 228 -18.47 11.24 8.45
C ASP B 228 -18.29 12.07 7.18
N ILE B 229 -18.64 11.54 6.00
CA ILE B 229 -18.69 12.34 4.78
C ILE B 229 -19.82 13.37 4.87
N ASN C 4 -8.85 -28.60 3.82
CA ASN C 4 -7.81 -28.49 4.83
C ASN C 4 -6.68 -27.59 4.31
N PHE C 5 -5.87 -28.10 3.39
CA PHE C 5 -4.79 -27.34 2.80
C PHE C 5 -4.87 -27.44 1.26
N ARG C 6 -3.95 -26.76 0.60
CA ARG C 6 -3.82 -26.76 -0.86
C ARG C 6 -2.33 -26.71 -1.15
N VAL C 7 -1.89 -27.37 -2.21
CA VAL C 7 -0.45 -27.52 -2.48
C VAL C 7 -0.13 -27.08 -3.89
N TYR C 8 0.81 -26.15 -4.03
CA TYR C 8 1.50 -25.88 -5.28
C TYR C 8 2.93 -26.38 -5.12
N TYR C 9 3.55 -26.78 -6.23
CA TYR C 9 4.82 -27.50 -6.10
C TYR C 9 5.62 -27.28 -7.37
N ARG C 10 6.94 -27.57 -7.29
CA ARG C 10 7.81 -27.66 -8.43
C ARG C 10 8.37 -29.07 -8.48
N ASP C 11 8.58 -29.60 -9.68
CA ASP C 11 9.30 -30.86 -9.71
C ASP C 11 10.31 -30.93 -10.86
N SER C 12 9.83 -31.20 -12.08
CA SER C 12 10.66 -31.68 -13.18
C SER C 12 11.66 -30.64 -13.68
N ARG C 13 12.47 -30.08 -12.78
CA ARG C 13 13.45 -29.03 -13.13
C ARG C 13 12.78 -27.90 -13.89
N ASP C 14 11.62 -27.46 -13.40
CA ASP C 14 10.82 -26.43 -14.04
CA ASP C 14 10.82 -26.43 -14.04
C ASP C 14 10.48 -25.41 -12.97
N PRO C 15 10.84 -24.13 -13.15
CA PRO C 15 10.59 -23.13 -12.10
C PRO C 15 9.15 -22.64 -11.99
N VAL C 16 8.29 -22.96 -12.95
CA VAL C 16 6.89 -22.57 -12.84
C VAL C 16 6.23 -23.41 -11.75
N TRP C 17 5.49 -22.76 -10.86
CA TRP C 17 4.75 -23.49 -9.86
C TRP C 17 3.59 -24.24 -10.49
N LYS C 18 3.37 -25.47 -10.01
CA LYS C 18 2.32 -26.36 -10.48
C LYS C 18 1.28 -26.55 -9.39
N GLY C 19 0.12 -27.05 -9.80
CA GLY C 19 -0.94 -27.19 -8.86
C GLY C 19 -2.18 -26.47 -9.34
N PRO C 20 -3.21 -26.49 -8.52
CA PRO C 20 -3.22 -27.01 -7.16
C PRO C 20 -3.28 -28.52 -7.16
N ALA C 21 -2.62 -29.08 -6.16
CA ALA C 21 -2.70 -30.51 -5.91
C ALA C 21 -3.39 -30.76 -4.59
N LYS C 22 -3.92 -32.00 -4.43
CA LYS C 22 -4.49 -32.37 -3.16
C LYS C 22 -3.37 -32.76 -2.21
N LEU C 23 -3.44 -32.28 -0.99
CA LEU C 23 -2.52 -32.68 0.07
C LEU C 23 -2.94 -34.03 0.66
N LEU C 24 -2.01 -34.98 0.74
CA LEU C 24 -2.28 -36.25 1.41
C LEU C 24 -1.46 -36.43 2.69
N GLU C 25 -0.22 -35.97 2.72
CA GLU C 25 0.58 -36.07 3.94
C GLU C 25 1.64 -34.98 3.92
N LYS C 26 1.85 -34.32 5.06
CA LYS C 26 2.95 -33.35 5.25
C LYS C 26 4.03 -33.98 6.13
N GLY C 27 5.07 -34.51 5.50
CA GLY C 27 6.21 -34.99 6.24
C GLY C 27 7.10 -33.83 6.65
N GLU C 28 8.13 -34.15 7.44
CA GLU C 28 9.09 -33.10 7.80
C GLU C 28 10.01 -32.80 6.63
N GLY C 29 10.24 -33.78 5.78
CA GLY C 29 11.11 -33.63 4.65
C GLY C 29 10.44 -33.64 3.29
N ALA C 30 9.22 -34.17 3.21
CA ALA C 30 8.56 -34.33 1.92
C ALA C 30 7.05 -34.33 2.09
N VAL C 31 6.34 -33.96 1.03
N VAL C 31 6.34 -34.09 0.99
CA VAL C 31 4.89 -33.97 1.04
CA VAL C 31 4.90 -33.91 0.96
C VAL C 31 4.43 -35.02 0.05
C VAL C 31 4.34 -34.91 -0.03
N VAL C 32 3.32 -35.67 0.38
CA VAL C 32 2.62 -36.59 -0.51
C VAL C 32 1.39 -35.87 -1.01
N ILE C 33 1.25 -35.78 -2.32
CA ILE C 33 0.16 -35.07 -2.96
C ILE C 33 -0.37 -35.92 -4.10
N GLN C 34 -1.53 -35.53 -4.58
CA GLN C 34 -2.09 -36.09 -5.81
C GLN C 34 -2.42 -34.96 -6.77
N ASP C 35 -2.01 -35.11 -8.01
CA ASP C 35 -2.25 -34.07 -8.98
C ASP C 35 -2.76 -34.72 -10.25
N ASN C 36 -3.93 -34.28 -10.70
CA ASN C 36 -4.68 -34.99 -11.72
C ASN C 36 -4.97 -36.36 -11.14
N SER C 37 -4.20 -37.36 -11.53
CA SER C 37 -4.40 -38.70 -10.99
C SER C 37 -3.10 -39.34 -10.53
N ASP C 38 -1.99 -38.60 -10.53
CA ASP C 38 -0.70 -39.13 -10.13
C ASP C 38 -0.44 -38.84 -8.66
N ILE C 39 0.08 -39.83 -7.97
CA ILE C 39 0.60 -39.64 -6.62
C ILE C 39 2.04 -39.15 -6.74
N LYS C 40 2.35 -38.06 -6.05
CA LYS C 40 3.69 -37.49 -6.13
C LYS C 40 4.20 -37.26 -4.72
N VAL C 41 5.50 -37.36 -4.56
CA VAL C 41 6.14 -37.08 -3.30
C VAL C 41 7.13 -35.97 -3.62
N VAL C 42 7.00 -34.82 -2.96
CA VAL C 42 7.81 -33.64 -3.30
C VAL C 42 8.54 -33.20 -2.04
N PRO C 43 9.82 -32.75 -2.10
CA PRO C 43 10.44 -32.22 -0.90
C PRO C 43 9.67 -31.02 -0.38
N ARG C 44 9.72 -30.81 0.96
CA ARG C 44 9.06 -29.64 1.55
C ARG C 44 9.43 -28.33 0.87
N ARG C 45 10.72 -28.11 0.53
CA ARG C 45 11.12 -26.80 0.00
C ARG C 45 10.56 -26.55 -1.40
N LYS C 46 10.08 -27.58 -2.07
CA LYS C 46 9.47 -27.44 -3.38
C LYS C 46 7.95 -27.43 -3.32
N ALA C 47 7.40 -27.30 -2.12
CA ALA C 47 5.96 -27.31 -1.93
C ALA C 47 5.52 -26.05 -1.23
N LYS C 48 4.33 -25.60 -1.56
CA LYS C 48 3.70 -24.45 -0.89
C LYS C 48 2.38 -24.99 -0.36
N ILE C 49 2.29 -25.16 0.94
CA ILE C 49 1.15 -25.76 1.62
C ILE C 49 0.38 -24.63 2.29
N ILE C 50 -0.80 -24.31 1.76
CA ILE C 50 -1.53 -23.11 2.16
C ILE C 50 -2.86 -23.57 2.75
N ARG C 51 -3.14 -23.17 4.00
CA ARG C 51 -4.39 -23.48 4.67
C ARG C 51 -5.58 -22.84 3.93
N ASP C 52 -6.75 -23.45 4.09
CA ASP C 52 -7.92 -23.02 3.33
C ASP C 52 -8.54 -21.78 3.98
N TYR C 53 -8.20 -20.61 3.42
CA TYR C 53 -8.67 -19.31 3.85
C TYR C 53 -9.33 -18.63 2.66
N GLY C 54 -10.01 -17.51 2.96
CA GLY C 54 -10.47 -16.55 1.97
C GLY C 54 -11.92 -16.59 1.54
N LYS C 55 -12.37 -17.72 1.00
CA LYS C 55 -13.74 -17.87 0.54
C LYS C 55 -14.48 -18.81 1.47
N CYS D 77 -22.40 -0.52 -11.46
CA CYS D 77 -21.40 -1.57 -11.30
C CYS D 77 -21.31 -2.15 -9.87
N SER D 78 -21.11 -3.46 -9.77
CA SER D 78 -21.01 -4.12 -8.47
C SER D 78 -19.90 -3.50 -7.60
N PRO D 79 -20.07 -3.52 -6.27
CA PRO D 79 -19.06 -2.96 -5.36
C PRO D 79 -17.75 -3.76 -5.25
N GLY D 80 -17.70 -4.97 -5.78
CA GLY D 80 -16.53 -5.80 -5.58
C GLY D 80 -15.59 -5.87 -6.75
N ILE D 81 -15.83 -5.11 -7.82
CA ILE D 81 -15.17 -5.34 -9.10
C ILE D 81 -14.04 -4.32 -9.24
N TRP D 82 -12.84 -4.84 -9.53
CA TRP D 82 -11.63 -4.05 -9.75
C TRP D 82 -11.01 -4.41 -11.11
N GLN D 83 -10.33 -3.45 -11.75
CA GLN D 83 -9.51 -3.74 -12.91
C GLN D 83 -8.07 -3.41 -12.56
N LEU D 84 -7.14 -4.27 -13.01
CA LEU D 84 -5.70 -4.02 -12.80
C LEU D 84 -4.98 -4.04 -14.13
N ASP D 85 -3.91 -3.23 -14.25
CA ASP D 85 -3.14 -3.23 -15.46
C ASP D 85 -1.80 -2.58 -15.12
N CYS D 86 -0.79 -2.90 -15.91
CA CYS D 86 0.52 -2.22 -15.74
C CYS D 86 0.69 -1.13 -16.78
N THR D 87 1.39 -0.06 -16.40
CA THR D 87 1.76 0.95 -17.41
C THR D 87 3.19 1.31 -17.09
N HIS D 88 3.87 2.05 -17.99
CA HIS D 88 5.31 2.24 -17.88
CA HIS D 88 5.31 2.24 -17.88
C HIS D 88 5.67 3.72 -18.02
N LEU D 89 6.56 4.17 -17.15
CA LEU D 89 7.15 5.51 -17.30
C LEU D 89 8.57 5.40 -16.82
N GLU D 90 9.50 6.04 -17.56
CA GLU D 90 10.87 6.13 -17.09
C GLU D 90 11.51 4.74 -16.91
N GLY D 91 11.06 3.76 -17.69
CA GLY D 91 11.58 2.42 -17.61
C GLY D 91 11.09 1.70 -16.35
N LYS D 92 10.17 2.28 -15.61
CA LYS D 92 9.61 1.69 -14.40
C LYS D 92 8.21 1.17 -14.68
N VAL D 93 7.83 0.15 -13.92
CA VAL D 93 6.55 -0.53 -14.08
C VAL D 93 5.62 -0.06 -12.99
N ILE D 94 4.48 0.48 -13.38
CA ILE D 94 3.49 0.99 -12.45
C ILE D 94 2.28 0.06 -12.52
N LEU D 95 2.00 -0.62 -11.43
CA LEU D 95 0.81 -1.46 -11.35
C LEU D 95 -0.33 -0.64 -10.78
N VAL D 96 -1.44 -0.55 -11.52
CA VAL D 96 -2.60 0.26 -11.17
C VAL D 96 -3.80 -0.62 -10.95
N ALA D 97 -4.54 -0.37 -9.83
CA ALA D 97 -5.85 -0.99 -9.57
C ALA D 97 -6.92 0.10 -9.58
N VAL D 98 -8.05 -0.12 -10.26
CA VAL D 98 -9.15 0.84 -10.22
CA VAL D 98 -9.17 0.82 -10.26
C VAL D 98 -10.40 0.10 -9.75
N HIS D 99 -11.09 0.71 -8.78
CA HIS D 99 -12.37 0.21 -8.31
C HIS D 99 -13.40 0.72 -9.31
N VAL D 100 -14.00 -0.18 -10.09
CA VAL D 100 -14.66 0.29 -11.32
C VAL D 100 -15.85 1.20 -10.98
N ALA D 101 -16.59 0.88 -9.93
CA ALA D 101 -17.82 1.65 -9.63
C ALA D 101 -17.55 3.07 -9.15
N SER D 102 -16.36 3.34 -8.60
CA SER D 102 -16.09 4.66 -8.06
C SER D 102 -15.06 5.45 -8.86
N GLY D 103 -14.17 4.78 -9.59
CA GLY D 103 -12.98 5.42 -10.16
C GLY D 103 -11.82 5.56 -9.20
N TYR D 104 -11.96 5.09 -7.97
CA TYR D 104 -10.85 5.17 -7.01
C TYR D 104 -9.68 4.35 -7.51
N ILE D 105 -8.43 4.83 -7.30
CA ILE D 105 -7.28 4.06 -7.73
C ILE D 105 -6.27 3.88 -6.63
N GLU D 106 -5.47 2.83 -6.78
CA GLU D 106 -4.25 2.64 -5.99
C GLU D 106 -3.18 2.18 -6.94
N ALA D 107 -1.95 2.53 -6.67
CA ALA D 107 -0.90 2.16 -7.61
C ALA D 107 0.43 1.98 -6.87
N GLU D 108 1.30 1.20 -7.46
CA GLU D 108 2.63 0.99 -6.87
C GLU D 108 3.62 0.83 -8.01
N VAL D 109 4.84 1.33 -7.81
CA VAL D 109 5.91 1.03 -8.75
C VAL D 109 6.49 -0.28 -8.31
N ILE D 110 6.48 -1.27 -9.20
CA ILE D 110 7.01 -2.59 -8.82
C ILE D 110 8.34 -2.81 -9.54
N PRO D 111 9.26 -3.58 -8.96
CA PRO D 111 10.59 -3.69 -9.54
C PRO D 111 10.63 -4.46 -10.84
N ALA D 112 9.66 -5.35 -11.09
CA ALA D 112 9.57 -6.08 -12.35
C ALA D 112 8.11 -6.44 -12.63
N GLU D 113 7.78 -6.57 -13.92
CA GLU D 113 6.40 -6.86 -14.32
C GLU D 113 6.14 -8.37 -14.22
N THR D 114 6.15 -8.91 -13.00
CA THR D 114 6.17 -10.36 -12.80
C THR D 114 4.96 -10.79 -12.02
N GLY D 115 4.70 -12.10 -12.10
CA GLY D 115 3.61 -12.66 -11.33
C GLY D 115 3.80 -12.49 -9.83
N GLN D 116 5.03 -12.72 -9.34
CA GLN D 116 5.18 -12.60 -7.90
C GLN D 116 4.96 -11.17 -7.42
N GLU D 117 5.44 -10.15 -8.17
CA GLU D 117 5.16 -8.77 -7.73
C GLU D 117 3.66 -8.45 -7.80
N THR D 118 2.98 -9.00 -8.83
CA THR D 118 1.55 -8.76 -8.96
C THR D 118 0.76 -9.47 -7.85
N ALA D 119 1.21 -10.64 -7.44
CA ALA D 119 0.53 -11.40 -6.40
C ALA D 119 0.64 -10.70 -5.06
N TYR D 120 1.82 -10.16 -4.76
CA TYR D 120 2.00 -9.45 -3.50
C TYR D 120 1.11 -8.20 -3.48
N PHE D 121 1.07 -7.45 -4.61
CA PHE D 121 0.20 -6.27 -4.70
C PHE D 121 -1.26 -6.65 -4.40
N LEU D 122 -1.72 -7.72 -5.05
CA LEU D 122 -3.09 -8.16 -4.83
C LEU D 122 -3.37 -8.54 -3.38
N LEU D 123 -2.42 -9.21 -2.71
CA LEU D 123 -2.62 -9.53 -1.28
C LEU D 123 -2.78 -8.26 -0.46
N LYS D 124 -1.98 -7.23 -0.73
CA LYS D 124 -2.18 -5.97 -0.04
C LYS D 124 -3.53 -5.39 -0.35
N LEU D 125 -3.92 -5.35 -1.64
CA LEU D 125 -5.19 -4.70 -1.98
C LEU D 125 -6.36 -5.41 -1.31
N ALA D 126 -6.29 -6.73 -1.31
CA ALA D 126 -7.40 -7.54 -0.79
C ALA D 126 -7.53 -7.39 0.73
N GLY D 127 -6.46 -7.03 1.42
CA GLY D 127 -6.61 -6.84 2.85
C GLY D 127 -7.28 -5.52 3.23
N ARG D 128 -7.33 -4.57 2.29
CA ARG D 128 -7.87 -3.22 2.53
C ARG D 128 -9.32 -3.10 2.11
N TRP D 129 -9.71 -3.72 1.01
CA TRP D 129 -11.03 -3.58 0.43
C TRP D 129 -11.67 -4.94 0.25
N PRO D 130 -12.99 -5.00 0.00
CA PRO D 130 -13.63 -6.27 -0.32
C PRO D 130 -13.57 -6.59 -1.81
N VAL D 131 -12.42 -7.14 -2.19
CA VAL D 131 -12.14 -7.47 -3.59
C VAL D 131 -12.77 -8.81 -3.94
N LYS D 132 -13.75 -8.81 -4.85
CA LYS D 132 -14.37 -10.08 -5.25
C LYS D 132 -13.99 -10.53 -6.63
N THR D 133 -13.84 -9.62 -7.55
CA THR D 133 -13.55 -9.95 -8.93
C THR D 133 -12.44 -9.01 -9.39
N VAL D 134 -11.42 -9.54 -10.02
CA VAL D 134 -10.41 -8.70 -10.65
CA VAL D 134 -10.39 -8.71 -10.65
C VAL D 134 -10.38 -8.98 -12.15
N HIS D 135 -10.48 -7.92 -12.96
CA HIS D 135 -10.49 -8.02 -14.42
C HIS D 135 -9.16 -7.52 -14.95
N THR D 136 -8.47 -8.35 -15.76
CA THR D 136 -7.18 -7.96 -16.33
C THR D 136 -7.16 -8.36 -17.79
N ASP D 137 -6.15 -7.86 -18.52
CA ASP D 137 -5.84 -8.47 -19.82
C ASP D 137 -5.09 -9.77 -19.55
N ASN D 138 -4.54 -10.36 -20.61
CA ASN D 138 -3.89 -11.67 -20.57
C ASN D 138 -2.38 -11.59 -20.38
N GLY D 139 -1.87 -10.48 -19.89
CA GLY D 139 -0.44 -10.37 -19.65
C GLY D 139 0.03 -11.50 -18.75
N SER D 140 1.26 -11.94 -18.93
CA SER D 140 1.69 -13.19 -18.29
C SER D 140 1.82 -13.04 -16.77
N ASN D 141 2.04 -11.83 -16.26
CA ASN D 141 2.03 -11.65 -14.81
C ASN D 141 0.64 -11.87 -14.22
N PHE D 142 -0.41 -11.52 -14.97
CA PHE D 142 -1.77 -11.69 -14.45
C PHE D 142 -2.28 -13.12 -14.55
N THR D 143 -1.71 -13.94 -15.41
CA THR D 143 -2.15 -15.33 -15.53
C THR D 143 -1.20 -16.30 -14.83
N SER D 144 -0.24 -15.80 -14.04
CA SER D 144 0.78 -16.63 -13.40
C SER D 144 0.19 -17.46 -12.26
N THR D 145 0.94 -18.51 -11.88
CA THR D 145 0.44 -19.36 -10.78
C THR D 145 0.46 -18.63 -9.46
N THR D 146 1.41 -17.71 -9.27
CA THR D 146 1.44 -16.99 -7.99
C THR D 146 0.22 -16.11 -7.86
N VAL D 147 -0.22 -15.50 -8.96
CA VAL D 147 -1.41 -14.67 -8.88
C VAL D 147 -2.64 -15.56 -8.66
N LYS D 148 -2.69 -16.74 -9.32
CA LYS D 148 -3.81 -17.66 -9.09
C LYS D 148 -3.89 -18.08 -7.64
N ALA D 149 -2.73 -18.34 -7.02
CA ALA D 149 -2.68 -18.74 -5.61
C ALA D 149 -3.14 -17.61 -4.69
N ALA D 150 -2.68 -16.38 -4.95
CA ALA D 150 -3.18 -15.24 -4.16
C ALA D 150 -4.69 -15.09 -4.27
N CYS D 151 -5.23 -15.18 -5.49
CA CYS D 151 -6.65 -14.98 -5.69
C CYS D 151 -7.43 -16.10 -5.02
N TRP D 152 -6.93 -17.34 -5.11
CA TRP D 152 -7.61 -18.44 -4.41
C TRP D 152 -7.63 -18.18 -2.90
N TRP D 153 -6.46 -17.82 -2.32
CA TRP D 153 -6.36 -17.63 -0.87
C TRP D 153 -7.28 -16.51 -0.40
N ALA D 154 -7.37 -15.42 -1.16
CA ALA D 154 -8.16 -14.25 -0.78
C ALA D 154 -9.61 -14.31 -1.24
N GLY D 155 -10.03 -15.31 -2.01
CA GLY D 155 -11.41 -15.38 -2.39
C GLY D 155 -11.77 -14.50 -3.58
N ILE D 156 -10.85 -14.32 -4.51
CA ILE D 156 -11.00 -13.40 -5.64
C ILE D 156 -11.22 -14.23 -6.91
N LYS D 157 -12.25 -13.93 -7.66
CA LYS D 157 -12.46 -14.50 -8.99
C LYS D 157 -11.74 -13.64 -10.02
N GLN D 158 -11.02 -14.26 -10.95
CA GLN D 158 -10.35 -13.53 -12.03
C GLN D 158 -11.11 -13.61 -13.34
N GLU D 159 -11.15 -12.47 -14.05
CA GLU D 159 -11.74 -12.46 -15.39
C GLU D 159 -10.72 -11.83 -16.33
N PHE D 160 -10.69 -12.31 -17.58
CA PHE D 160 -9.69 -11.87 -18.53
C PHE D 160 -10.40 -11.33 -19.77
N GLY D 161 -9.96 -10.18 -20.25
CA GLY D 161 -10.52 -9.58 -21.44
C GLY D 161 -10.09 -8.12 -21.56
N GLY D 170 -13.19 0.18 -21.23
CA GLY D 170 -11.78 0.53 -21.11
C GLY D 170 -11.48 1.44 -19.93
N VAL D 171 -11.96 1.07 -18.74
CA VAL D 171 -11.83 1.92 -17.57
C VAL D 171 -10.36 2.07 -17.16
N ILE D 172 -9.67 0.94 -16.94
CA ILE D 172 -8.27 1.01 -16.49
C ILE D 172 -7.39 1.69 -17.55
N GLU D 173 -7.64 1.43 -18.84
CA GLU D 173 -6.81 2.04 -19.88
C GLU D 173 -6.99 3.55 -19.89
N SER D 174 -8.22 4.00 -19.73
CA SER D 174 -8.47 5.42 -19.58
C SER D 174 -7.82 5.93 -18.30
N MET D 175 -7.80 5.11 -17.26
CA MET D 175 -7.20 5.54 -16.02
C MET D 175 -5.68 5.61 -16.11
N ASN D 176 -5.05 4.67 -16.83
CA ASN D 176 -3.61 4.77 -17.08
C ASN D 176 -3.25 6.14 -17.66
N LYS D 177 -4.02 6.58 -18.66
CA LYS D 177 -3.71 7.83 -19.36
C LYS D 177 -3.89 9.03 -18.45
N GLU D 178 -4.98 9.06 -17.70
CA GLU D 178 -5.23 10.13 -16.76
C GLU D 178 -4.13 10.19 -15.71
N LEU D 179 -3.76 9.03 -15.14
CA LEU D 179 -2.68 9.01 -14.17
C LEU D 179 -1.40 9.59 -14.77
N LYS D 180 -1.07 9.20 -16.01
CA LYS D 180 0.15 9.69 -16.63
C LYS D 180 0.09 11.19 -16.85
N LYS D 181 -1.10 11.72 -17.13
CA LYS D 181 -1.22 13.15 -17.33
C LYS D 181 -0.92 13.89 -16.04
N ILE D 182 -1.48 13.40 -14.92
CA ILE D 182 -1.27 14.07 -13.65
C ILE D 182 0.19 13.95 -13.24
N ILE D 183 0.79 12.75 -13.41
CA ILE D 183 2.20 12.56 -13.12
C ILE D 183 3.03 13.59 -13.88
N GLY D 184 2.73 13.77 -15.16
CA GLY D 184 3.48 14.76 -15.94
C GLY D 184 3.35 16.18 -15.42
N GLN D 185 2.16 16.52 -14.90
CA GLN D 185 1.93 17.84 -14.31
C GLN D 185 2.76 18.08 -13.07
N VAL D 186 2.99 17.05 -12.26
CA VAL D 186 3.65 17.21 -10.96
C VAL D 186 5.07 16.68 -10.96
N ARG D 187 5.55 16.11 -12.07
CA ARG D 187 6.77 15.30 -12.03
C ARG D 187 7.95 16.09 -11.51
N ASP D 188 8.07 17.39 -11.90
CA ASP D 188 9.23 18.17 -11.47
C ASP D 188 9.18 18.58 -10.00
N GLN D 189 8.10 18.27 -9.27
CA GLN D 189 8.08 18.52 -7.83
C GLN D 189 8.79 17.45 -7.00
N ALA D 190 9.19 16.33 -7.61
CA ALA D 190 9.76 15.21 -6.87
C ALA D 190 11.00 14.71 -7.57
N GLU D 191 11.96 14.23 -6.79
CA GLU D 191 13.08 13.49 -7.39
C GLU D 191 12.61 12.18 -8.03
N HIS D 192 11.91 11.34 -7.26
CA HIS D 192 11.59 9.97 -7.68
C HIS D 192 10.27 9.83 -8.36
N LEU D 193 10.24 9.04 -9.41
CA LEU D 193 8.98 8.79 -10.10
C LEU D 193 7.93 8.23 -9.14
N LYS D 194 8.31 7.33 -8.22
CA LYS D 194 7.26 6.74 -7.38
C LYS D 194 6.61 7.83 -6.53
N THR D 195 7.39 8.83 -6.10
CA THR D 195 6.77 9.91 -5.34
C THR D 195 5.72 10.63 -6.17
N ALA D 196 6.05 10.97 -7.43
CA ALA D 196 5.08 11.61 -8.31
C ALA D 196 3.85 10.71 -8.53
N VAL D 197 4.08 9.40 -8.67
CA VAL D 197 2.93 8.48 -8.83
C VAL D 197 1.98 8.63 -7.64
N GLN D 198 2.53 8.60 -6.40
CA GLN D 198 1.58 8.65 -5.26
C GLN D 198 0.94 10.02 -5.10
N MET D 199 1.69 11.08 -5.43
CA MET D 199 1.07 12.40 -5.49
C MET D 199 -0.08 12.42 -6.50
N ALA D 200 0.12 11.81 -7.67
CA ALA D 200 -0.94 11.77 -8.68
C ALA D 200 -2.14 10.96 -8.21
N VAL D 201 -1.90 9.80 -7.58
CA VAL D 201 -2.99 9.00 -7.02
C VAL D 201 -3.81 9.83 -6.03
N PHE D 202 -3.12 10.54 -5.11
CA PHE D 202 -3.80 11.41 -4.17
C PHE D 202 -4.63 12.46 -4.88
N ILE D 203 -4.03 13.17 -5.85
CA ILE D 203 -4.75 14.22 -6.56
C ILE D 203 -6.02 13.62 -7.20
N HIS D 204 -5.85 12.47 -7.85
CA HIS D 204 -6.96 11.82 -8.53
C HIS D 204 -8.07 11.46 -7.56
N ASN D 205 -7.70 10.81 -6.43
CA ASN D 205 -8.74 10.26 -5.52
C ASN D 205 -9.45 11.35 -4.73
N LYS D 206 -8.81 12.52 -4.52
CA LYS D 206 -9.35 13.57 -3.65
C LYS D 206 -10.11 14.63 -4.42
N LYS D 207 -10.01 14.64 -5.76
CA LYS D 207 -10.71 15.64 -6.59
C LYS D 207 -12.21 15.43 -6.57
N ARG D 208 -12.96 16.43 -6.12
CA ARG D 208 -14.41 16.42 -6.24
C ARG D 208 -14.86 16.79 -7.64
N LYS D 209 -15.79 16.01 -8.18
CA LYS D 209 -16.30 16.16 -9.56
C LYS D 209 -17.05 17.47 -9.75
N GLY D 214 -21.62 16.01 -5.75
CA GLY D 214 -20.20 16.35 -5.93
C GLY D 214 -19.23 15.62 -5.00
N TYR D 215 -18.90 14.38 -5.35
CA TYR D 215 -18.08 13.48 -4.55
C TYR D 215 -16.73 13.26 -5.23
N SER D 216 -15.69 13.01 -4.45
CA SER D 216 -14.43 12.52 -5.02
C SER D 216 -14.49 11.00 -5.16
N ALA D 217 -13.54 10.43 -5.94
CA ALA D 217 -13.50 8.97 -6.04
C ALA D 217 -13.24 8.30 -4.68
N GLY D 218 -12.40 8.92 -3.84
CA GLY D 218 -12.17 8.38 -2.51
C GLY D 218 -13.42 8.37 -1.65
N GLU D 219 -14.24 9.41 -1.75
CA GLU D 219 -15.51 9.42 -1.04
C GLU D 219 -16.46 8.38 -1.61
N ARG D 220 -16.46 8.22 -2.95
CA ARG D 220 -17.42 7.32 -3.58
C ARG D 220 -17.15 5.86 -3.22
N ILE D 221 -15.88 5.44 -3.23
CA ILE D 221 -15.60 4.02 -2.91
C ILE D 221 -16.04 3.72 -1.48
N VAL D 222 -15.77 4.64 -0.54
CA VAL D 222 -16.15 4.41 0.84
C VAL D 222 -17.69 4.39 0.98
N ASP D 223 -18.38 5.31 0.29
CA ASP D 223 -19.86 5.32 0.34
C ASP D 223 -20.42 4.04 -0.27
N ILE D 224 -19.87 3.61 -1.41
CA ILE D 224 -20.39 2.42 -2.08
C ILE D 224 -20.22 1.19 -1.19
N ILE D 225 -19.04 1.01 -0.60
CA ILE D 225 -18.78 -0.19 0.18
C ILE D 225 -19.54 -0.15 1.51
N ALA D 226 -19.57 1.01 2.16
CA ALA D 226 -20.34 1.16 3.40
C ALA D 226 -21.82 0.84 3.19
N THR D 227 -22.41 1.35 2.09
CA THR D 227 -23.82 1.06 1.81
C THR D 227 -24.08 -0.44 1.69
N ASP D 228 -23.16 -1.14 1.03
CA ASP D 228 -23.29 -2.59 0.93
C ASP D 228 -23.27 -3.22 2.32
N ILE D 229 -22.33 -2.81 3.17
CA ILE D 229 -22.21 -3.36 4.52
C ILE D 229 -23.44 -3.06 5.35
N GLN D 230 -23.85 -1.79 5.35
CA GLN D 230 -24.90 -1.29 6.22
C GLN D 230 -26.27 -1.86 5.89
N THR D 231 -26.42 -2.41 4.68
CA THR D 231 -27.73 -2.86 4.26
C THR D 231 -27.84 -4.38 4.16
N LYS D 232 -26.80 -5.09 4.60
CA LYS D 232 -26.81 -6.56 4.58
C LYS D 232 -27.35 -7.14 5.88
#